data_6AB0
#
_entry.id   6AB0
#
_cell.length_a   101.506
_cell.length_b   44.280
_cell.length_c   72.671
_cell.angle_alpha   90.00
_cell.angle_beta   118.58
_cell.angle_gamma   90.00
#
_symmetry.space_group_name_H-M   'C 1 2 1'
#
loop_
_entity.id
_entity.type
_entity.pdbx_description
1 polymer 'Pyrrolysine--tRNA ligase'
2 non-polymer 'MAGNESIUM ION'
3 non-polymer "ADENOSINE-5'-TRIPHOSPHATE"
4 non-polymer N6-{[(6-aminopyridin-3-yl)methoxy]carbonyl}-L-lysine
5 non-polymer 'POTASSIUM ION'
6 non-polymer 'PHOSPHATE ION'
7 water water
#
_entity_poly.entity_id   1
_entity_poly.type   'polypeptide(L)'
_entity_poly.pdbx_seq_one_letter_code
;GSHMASAPALTKSQTDRLEVLLNPKDEISLNSGKPFRELESELLSRRKKDLQQIYAEERENYLGKLEREITRFFVDRGFL
EIKSPILIPLEYIERMGIDNDTELSKQIFRVDKNFCLRPMLAPNLANYLRKLDRALPDPIKIFEIGPCYRKESDGKEHLE
EFTMLNFCQMGSGCTRENLESIITDFLNHLGIDFKIVGDSCMVFGDTLDVMHGDLELSSAVVGPIPLDREWGIDKPWIGA
GFGLERLLKVKHDFKNIKRAARSGSYYNGISTNL
;
_entity_poly.pdbx_strand_id   A
#
# COMPACT_ATOMS: atom_id res chain seq x y z
N PRO A 8 2.33 30.03 27.49
CA PRO A 8 1.29 29.08 27.88
C PRO A 8 1.49 27.71 27.24
N ALA A 9 0.87 26.68 27.84
CA ALA A 9 1.03 25.30 27.44
C ALA A 9 -0.14 24.86 26.57
N LEU A 10 0.13 23.95 25.63
CA LEU A 10 -0.90 23.44 24.72
C LEU A 10 -1.55 22.18 25.27
N THR A 11 -2.88 22.12 25.16
CA THR A 11 -3.59 20.90 25.55
C THR A 11 -3.39 19.79 24.52
N LYS A 12 -3.74 18.57 24.92
CA LYS A 12 -3.68 17.47 23.96
CA LYS A 12 -3.69 17.46 23.97
C LYS A 12 -4.54 17.74 22.75
N SER A 13 -5.75 18.30 22.94
CA SER A 13 -6.62 18.61 21.80
CA SER A 13 -6.60 18.59 21.79
C SER A 13 -5.96 19.62 20.88
N GLN A 14 -5.31 20.63 21.45
CA GLN A 14 -4.63 21.65 20.65
C GLN A 14 -3.45 21.06 19.89
N THR A 15 -2.61 20.27 20.55
CA THR A 15 -1.50 19.62 19.86
CA THR A 15 -1.50 19.67 19.82
C THR A 15 -2.00 18.71 18.73
N ASP A 16 -3.08 17.96 19.00
CA ASP A 16 -3.61 17.08 17.96
C ASP A 16 -4.05 17.87 16.73
N ARG A 17 -4.68 19.03 16.95
CA ARG A 17 -5.12 19.87 15.83
C ARG A 17 -3.93 20.38 15.03
N LEU A 18 -2.89 20.86 15.71
CA LEU A 18 -1.70 21.32 15.00
C LEU A 18 -1.02 20.19 14.23
N GLU A 19 -0.97 18.99 14.82
CA GLU A 19 -0.37 17.87 14.11
C GLU A 19 -1.12 17.52 12.82
N VAL A 20 -2.45 17.62 12.87
CA VAL A 20 -3.25 17.41 11.66
C VAL A 20 -2.81 18.36 10.55
N LEU A 21 -2.53 19.62 10.90
CA LEU A 21 -2.21 20.66 9.93
C LEU A 21 -0.74 20.71 9.56
N LEU A 22 0.13 20.04 10.32
CA LEU A 22 1.55 20.08 10.08
C LEU A 22 1.90 19.12 8.95
N ASN A 23 2.87 19.50 8.15
CA ASN A 23 3.37 18.66 7.07
C ASN A 23 4.87 18.43 7.24
N PRO A 24 5.41 17.34 6.69
CA PRO A 24 6.84 17.04 6.89
C PRO A 24 7.77 18.15 6.45
N LYS A 25 7.42 18.91 5.41
CA LYS A 25 8.28 19.99 4.93
C LYS A 25 8.33 21.18 5.89
N ASP A 26 7.41 21.26 6.85
CA ASP A 26 7.37 22.41 7.73
C ASP A 26 8.49 22.34 8.76
N GLU A 27 8.89 23.53 9.22
CA GLU A 27 9.85 23.66 10.33
C GLU A 27 9.22 24.60 11.36
N ILE A 28 8.26 24.07 12.13
CA ILE A 28 7.54 24.83 13.13
C ILE A 28 7.55 24.06 14.45
N SER A 29 8.05 24.68 15.51
CA SER A 29 8.03 24.09 16.84
C SER A 29 6.67 24.36 17.49
N LEU A 30 5.97 23.28 17.87
CA LEU A 30 4.63 23.45 18.43
C LEU A 30 4.66 23.98 19.86
N ASN A 31 5.73 23.69 20.60
CA ASN A 31 5.83 24.15 21.98
C ASN A 31 6.99 25.12 22.18
N SER A 32 7.05 26.14 21.35
CA SER A 32 8.03 27.21 21.50
C SER A 32 7.54 28.32 22.42
N GLY A 33 6.26 28.32 22.79
CA GLY A 33 5.65 29.40 23.53
C GLY A 33 4.73 30.27 22.71
N LYS A 34 4.83 30.20 21.38
CA LYS A 34 3.88 30.90 20.52
C LYS A 34 2.47 30.38 20.81
N PRO A 35 1.48 31.25 20.85
CA PRO A 35 0.14 30.79 21.24
C PRO A 35 -0.47 29.92 20.14
N PHE A 36 -1.33 29.01 20.60
CA PHE A 36 -2.04 28.09 19.70
C PHE A 36 -2.68 28.86 18.55
N ARG A 37 -3.35 30.00 18.83
CA ARG A 37 -4.04 30.73 17.76
C ARG A 37 -3.12 31.09 16.60
N GLU A 38 -1.89 31.46 16.89
CA GLU A 38 -1.00 31.90 15.82
C GLU A 38 -0.38 30.70 15.11
N LEU A 39 -0.07 29.63 15.85
CA LEU A 39 0.41 28.41 15.19
C LEU A 39 -0.67 27.85 14.29
N GLU A 40 -1.91 27.81 14.76
CA GLU A 40 -3.00 27.31 13.92
C GLU A 40 -3.16 28.18 12.69
N SER A 41 -3.15 29.51 12.84
CA SER A 41 -3.37 30.40 11.69
CA SER A 41 -3.37 30.38 11.69
CA SER A 41 -3.37 30.39 11.70
C SER A 41 -2.26 30.24 10.67
N GLU A 42 -1.01 30.16 11.11
CA GLU A 42 0.11 29.97 10.19
C GLU A 42 -0.05 28.67 9.41
N LEU A 43 -0.36 27.58 10.12
CA LEU A 43 -0.44 26.29 9.43
C LEU A 43 -1.65 26.23 8.51
N LEU A 44 -2.77 26.83 8.91
CA LEU A 44 -3.93 26.90 8.03
C LEU A 44 -3.59 27.63 6.72
N SER A 45 -2.84 28.72 6.81
CA SER A 45 -2.47 29.47 5.61
CA SER A 45 -2.46 29.46 5.61
CA SER A 45 -2.46 29.47 5.61
C SER A 45 -1.55 28.65 4.71
N ARG A 46 -0.59 27.93 5.29
CA ARG A 46 0.32 27.12 4.48
C ARG A 46 -0.46 26.02 3.77
N ARG A 47 -1.39 25.39 4.49
CA ARG A 47 -2.12 24.26 3.91
C ARG A 47 -3.10 24.72 2.84
N LYS A 48 -3.78 25.84 3.05
CA LYS A 48 -4.63 26.40 1.99
C LYS A 48 -3.82 26.71 0.74
N LYS A 49 -2.64 27.30 0.91
N LYS A 49 -2.63 27.29 0.90
CA LYS A 49 -1.78 27.59 -0.23
CA LYS A 49 -1.80 27.59 -0.26
C LYS A 49 -1.37 26.32 -0.96
C LYS A 49 -1.34 26.32 -0.96
N ASP A 50 -1.02 25.27 -0.19
CA ASP A 50 -0.64 24.00 -0.79
C ASP A 50 -1.78 23.40 -1.61
N LEU A 51 -2.99 23.41 -1.05
CA LEU A 51 -4.14 22.84 -1.76
C LEU A 51 -4.47 23.66 -2.99
N GLN A 52 -4.37 25.00 -2.89
CA GLN A 52 -4.64 25.85 -4.04
C GLN A 52 -3.64 25.60 -5.16
N GLN A 53 -2.39 25.34 -4.83
CA GLN A 53 -1.39 25.02 -5.83
C GLN A 53 -1.70 23.68 -6.51
N ILE A 54 -2.09 22.65 -5.73
CA ILE A 54 -2.48 21.39 -6.33
C ILE A 54 -3.64 21.60 -7.30
N TYR A 55 -4.63 22.38 -6.88
CA TYR A 55 -5.82 22.57 -7.71
C TYR A 55 -5.49 23.34 -8.98
N ALA A 56 -4.57 24.30 -8.90
CA ALA A 56 -4.22 25.10 -10.07
C ALA A 56 -3.34 24.34 -11.06
N GLU A 57 -2.46 23.44 -10.59
CA GLU A 57 -1.33 22.99 -11.41
C GLU A 57 -1.20 21.50 -11.65
N GLU A 58 -1.73 20.64 -10.79
N GLU A 58 -1.71 20.64 -10.77
CA GLU A 58 -1.50 19.20 -10.91
CA GLU A 58 -1.49 19.20 -10.89
C GLU A 58 -2.80 18.43 -11.03
C GLU A 58 -2.80 18.45 -11.03
N ARG A 59 -3.61 18.43 -9.99
CA ARG A 59 -4.95 17.90 -9.85
C ARG A 59 -5.01 16.39 -9.71
N GLU A 60 -3.90 15.68 -9.69
CA GLU A 60 -3.91 14.23 -9.60
C GLU A 60 -3.75 13.79 -8.14
N ASN A 61 -4.53 12.75 -7.79
CA ASN A 61 -4.48 12.15 -6.48
C ASN A 61 -3.23 11.28 -6.36
N TYR A 62 -2.55 11.34 -5.21
CA TYR A 62 -1.30 10.58 -5.07
C TYR A 62 -1.51 9.10 -5.28
N LEU A 63 -2.59 8.54 -4.73
CA LEU A 63 -2.79 7.10 -4.88
C LEU A 63 -3.12 6.75 -6.31
N GLY A 64 -3.96 7.56 -6.96
CA GLY A 64 -4.25 7.29 -8.36
C GLY A 64 -3.03 7.42 -9.26
N LYS A 65 -2.24 8.48 -9.05
CA LYS A 65 -1.05 8.71 -9.86
C LYS A 65 -0.03 7.60 -9.67
N LEU A 66 0.16 7.15 -8.44
CA LEU A 66 1.11 6.06 -8.19
C LEU A 66 0.63 4.77 -8.86
N GLU A 67 -0.67 4.46 -8.75
CA GLU A 67 -1.19 3.28 -9.45
C GLU A 67 -0.90 3.38 -10.94
N ARG A 68 -1.10 4.58 -11.55
CA ARG A 68 -0.86 4.68 -13.00
C ARG A 68 0.63 4.52 -13.33
N GLU A 69 1.51 5.07 -12.49
CA GLU A 69 2.95 4.95 -12.73
C GLU A 69 3.38 3.49 -12.62
N ILE A 70 2.89 2.79 -11.61
CA ILE A 70 3.21 1.38 -11.43
C ILE A 70 2.65 0.55 -12.58
N THR A 71 1.43 0.85 -13.00
CA THR A 71 0.84 0.13 -14.13
C THR A 71 1.71 0.25 -15.37
N ARG A 72 2.16 1.47 -15.69
CA ARG A 72 3.01 1.63 -16.87
C ARG A 72 4.30 0.80 -16.73
N PHE A 73 4.91 0.81 -15.55
CA PHE A 73 6.14 0.06 -15.35
C PHE A 73 5.94 -1.42 -15.68
N PHE A 74 4.87 -2.03 -15.14
CA PHE A 74 4.70 -3.46 -15.33
C PHE A 74 4.18 -3.80 -16.71
N VAL A 75 3.25 -3.02 -17.26
CA VAL A 75 2.84 -3.25 -18.66
C VAL A 75 4.05 -3.21 -19.58
N ASP A 76 4.92 -2.23 -19.43
CA ASP A 76 6.08 -2.09 -20.32
C ASP A 76 7.06 -3.25 -20.16
N ARG A 77 7.06 -3.94 -19.03
CA ARG A 77 7.94 -5.08 -18.82
C ARG A 77 7.27 -6.41 -19.16
N GLY A 78 6.12 -6.37 -19.81
CA GLY A 78 5.48 -7.58 -20.31
C GLY A 78 4.48 -8.25 -19.38
N PHE A 79 4.00 -7.56 -18.34
CA PHE A 79 3.00 -8.14 -17.45
C PHE A 79 1.61 -7.66 -17.85
N LEU A 80 0.65 -8.60 -17.84
CA LEU A 80 -0.74 -8.28 -18.18
C LEU A 80 -1.44 -7.64 -16.98
N GLU A 81 -2.14 -6.53 -17.24
CA GLU A 81 -2.85 -5.80 -16.18
C GLU A 81 -4.21 -6.49 -15.87
N ILE A 82 -4.40 -6.87 -14.61
CA ILE A 82 -5.60 -7.55 -14.14
C ILE A 82 -6.45 -6.61 -13.29
N LYS A 83 -7.78 -6.69 -13.43
CA LYS A 83 -8.69 -6.06 -12.49
C LYS A 83 -9.72 -7.11 -12.12
N SER A 84 -9.63 -7.62 -10.89
CA SER A 84 -10.42 -8.75 -10.44
C SER A 84 -11.36 -8.33 -9.30
N PRO A 85 -12.30 -9.19 -8.88
CA PRO A 85 -13.27 -8.74 -7.87
C PRO A 85 -12.65 -8.38 -6.52
N ILE A 86 -13.23 -7.36 -5.90
CA ILE A 86 -12.87 -7.00 -4.52
C ILE A 86 -13.71 -7.79 -3.51
N LEU A 87 -14.98 -8.01 -3.85
CA LEU A 87 -15.89 -8.82 -3.06
C LEU A 87 -15.75 -10.26 -3.55
N ILE A 88 -15.27 -11.15 -2.68
CA ILE A 88 -14.85 -12.50 -3.10
C ILE A 88 -15.55 -13.55 -2.22
N PRO A 89 -15.57 -14.81 -2.67
CA PRO A 89 -16.16 -15.86 -1.84
C PRO A 89 -15.39 -16.05 -0.54
N LEU A 90 -16.14 -16.21 0.55
CA LEU A 90 -15.53 -16.49 1.84
C LEU A 90 -14.74 -17.79 1.80
N GLU A 91 -15.14 -18.72 0.94
CA GLU A 91 -14.44 -20.00 0.77
C GLU A 91 -12.99 -19.80 0.37
N TYR A 92 -12.67 -18.69 -0.32
CA TYR A 92 -11.27 -18.47 -0.67
C TYR A 92 -10.39 -18.31 0.57
N ILE A 93 -10.96 -17.83 1.68
CA ILE A 93 -10.16 -17.61 2.88
C ILE A 93 -9.62 -18.93 3.43
N GLU A 94 -10.53 -19.88 3.71
CA GLU A 94 -10.09 -21.18 4.21
C GLU A 94 -9.20 -21.88 3.19
N ARG A 95 -9.52 -21.73 1.90
CA ARG A 95 -8.71 -22.38 0.86
C ARG A 95 -7.30 -21.80 0.75
N MET A 96 -7.10 -20.55 1.15
CA MET A 96 -5.75 -19.99 1.20
C MET A 96 -4.95 -20.46 2.41
N GLY A 97 -5.57 -21.26 3.28
CA GLY A 97 -4.89 -21.70 4.48
C GLY A 97 -4.93 -20.72 5.62
N ILE A 98 -5.91 -19.82 5.63
CA ILE A 98 -6.09 -18.88 6.73
C ILE A 98 -6.96 -19.62 7.76
N ASP A 99 -6.28 -20.26 8.72
CA ASP A 99 -6.96 -21.11 9.68
C ASP A 99 -7.90 -20.31 10.56
N ASN A 100 -9.05 -20.90 10.88
CA ASN A 100 -10.06 -20.28 11.72
C ASN A 100 -9.61 -20.27 13.18
N LEU A 104 -5.63 -13.45 12.07
CA LEU A 104 -5.58 -13.31 10.62
C LEU A 104 -6.94 -13.60 10.02
N SER A 105 -7.49 -14.78 10.33
CA SER A 105 -8.89 -15.04 10.01
C SER A 105 -9.79 -14.05 10.71
N LYS A 106 -9.37 -13.56 11.88
CA LYS A 106 -10.08 -12.53 12.64
C LYS A 106 -9.98 -11.17 11.97
N GLN A 107 -9.11 -11.02 10.98
CA GLN A 107 -8.95 -9.75 10.28
C GLN A 107 -9.89 -9.60 9.10
N ILE A 108 -10.71 -10.60 8.79
CA ILE A 108 -11.50 -10.61 7.56
C ILE A 108 -12.80 -9.84 7.75
N PHE A 109 -13.12 -8.93 6.83
CA PHE A 109 -14.42 -8.25 6.82
C PHE A 109 -15.40 -9.15 6.09
N ARG A 110 -16.39 -9.66 6.80
CA ARG A 110 -17.37 -10.54 6.19
C ARG A 110 -18.52 -9.74 5.58
N VAL A 111 -19.06 -10.25 4.48
CA VAL A 111 -20.18 -9.60 3.79
C VAL A 111 -21.24 -10.67 3.55
N ASP A 112 -22.46 -10.40 4.01
N ASP A 112 -22.46 -10.42 4.03
CA ASP A 112 -23.56 -11.37 3.96
CA ASP A 112 -23.53 -11.38 3.88
C ASP A 112 -23.09 -12.62 4.70
C ASP A 112 -23.16 -12.62 4.70
N LYS A 113 -23.30 -13.81 4.14
CA LYS A 113 -22.86 -15.03 4.83
C LYS A 113 -21.80 -15.81 4.08
N ASN A 114 -21.70 -15.65 2.75
CA ASN A 114 -20.76 -16.43 1.96
C ASN A 114 -19.67 -15.58 1.31
N PHE A 115 -19.59 -14.28 1.61
CA PHE A 115 -18.65 -13.40 0.93
C PHE A 115 -17.77 -12.66 1.93
N CYS A 116 -16.70 -12.06 1.41
CA CYS A 116 -15.88 -11.19 2.24
C CYS A 116 -15.21 -10.17 1.33
N LEU A 117 -14.68 -9.12 1.95
CA LEU A 117 -13.76 -8.21 1.25
C LEU A 117 -12.38 -8.86 1.18
N ARG A 118 -11.79 -8.88 0.00
CA ARG A 118 -10.50 -9.56 -0.14
C ARG A 118 -9.44 -8.92 0.77
N PRO A 119 -8.69 -9.73 1.53
CA PRO A 119 -7.57 -9.20 2.32
C PRO A 119 -6.25 -9.20 1.57
N MET A 120 -6.22 -9.74 0.35
CA MET A 120 -5.02 -9.84 -0.47
C MET A 120 -5.47 -10.15 -1.88
N LEU A 121 -4.54 -10.00 -2.83
CA LEU A 121 -4.85 -10.23 -4.24
C LEU A 121 -4.52 -11.64 -4.69
N ALA A 122 -3.74 -12.38 -3.91
CA ALA A 122 -3.20 -13.66 -4.39
C ALA A 122 -4.24 -14.67 -4.87
N PRO A 123 -5.37 -14.90 -4.18
CA PRO A 123 -6.28 -15.93 -4.67
C PRO A 123 -6.80 -15.65 -6.06
N ASN A 124 -7.20 -14.39 -6.35
CA ASN A 124 -7.69 -14.11 -7.70
C ASN A 124 -6.56 -14.23 -8.73
N LEU A 125 -5.34 -13.83 -8.36
CA LEU A 125 -4.22 -13.95 -9.30
C LEU A 125 -3.84 -15.41 -9.54
N ALA A 126 -3.96 -16.28 -8.53
CA ALA A 126 -3.74 -17.71 -8.74
C ALA A 126 -4.73 -18.26 -9.76
N ASN A 127 -6.00 -17.86 -9.65
CA ASN A 127 -6.98 -18.33 -10.63
C ASN A 127 -6.61 -17.86 -12.04
N TYR A 128 -6.16 -16.60 -12.19
CA TYR A 128 -5.75 -16.12 -13.51
C TYR A 128 -4.53 -16.86 -14.04
N LEU A 129 -3.53 -17.10 -13.19
CA LEU A 129 -2.35 -17.83 -13.66
C LEU A 129 -2.76 -19.18 -14.23
N ARG A 130 -3.60 -19.92 -13.48
CA ARG A 130 -4.05 -21.24 -13.94
C ARG A 130 -4.78 -21.14 -15.26
N LYS A 131 -5.72 -20.20 -15.37
CA LYS A 131 -6.50 -20.10 -16.61
C LYS A 131 -5.67 -19.61 -17.78
N LEU A 132 -4.83 -18.59 -17.56
CA LEU A 132 -4.04 -18.05 -18.68
C LEU A 132 -2.99 -19.04 -19.17
N ASP A 133 -2.52 -19.93 -18.30
CA ASP A 133 -1.54 -20.92 -18.75
C ASP A 133 -2.07 -21.81 -19.87
N ARG A 134 -3.39 -21.87 -20.05
CA ARG A 134 -3.98 -22.70 -21.11
C ARG A 134 -3.98 -21.99 -22.45
N ALA A 135 -3.62 -20.70 -22.49
CA ALA A 135 -3.80 -19.91 -23.70
C ALA A 135 -2.57 -19.11 -24.09
N LEU A 136 -1.71 -18.74 -23.09
CA LEU A 136 -0.63 -17.80 -23.35
C LEU A 136 0.73 -18.51 -23.35
N PRO A 137 1.71 -17.95 -24.05
CA PRO A 137 3.04 -18.58 -24.07
C PRO A 137 3.76 -18.36 -22.75
N ASP A 138 4.67 -19.28 -22.47
CA ASP A 138 5.50 -19.22 -21.29
C ASP A 138 6.53 -18.09 -21.43
N PRO A 139 6.78 -17.31 -20.37
CA PRO A 139 6.15 -17.39 -19.05
C PRO A 139 4.92 -16.49 -18.98
N ILE A 140 4.04 -16.81 -18.04
CA ILE A 140 2.85 -16.02 -17.76
C ILE A 140 3.22 -14.96 -16.72
N LYS A 141 3.00 -13.68 -17.08
CA LYS A 141 3.36 -12.54 -16.22
C LYS A 141 2.13 -11.66 -16.10
N ILE A 142 1.64 -11.46 -14.86
CA ILE A 142 0.44 -10.66 -14.62
C ILE A 142 0.63 -9.83 -13.37
N PHE A 143 -0.20 -8.79 -13.22
CA PHE A 143 -0.18 -8.01 -11.98
C PHE A 143 -1.55 -7.38 -11.78
N GLU A 144 -1.80 -6.97 -10.52
CA GLU A 144 -3.01 -6.24 -10.19
C GLU A 144 -2.67 -5.22 -9.13
N ILE A 145 -3.34 -4.06 -9.21
CA ILE A 145 -3.32 -3.04 -8.17
C ILE A 145 -4.77 -2.78 -7.78
N GLY A 146 -5.05 -2.80 -6.48
CA GLY A 146 -6.36 -2.34 -6.04
C GLY A 146 -6.61 -2.52 -4.56
N PRO A 147 -7.81 -2.18 -4.12
CA PRO A 147 -8.13 -2.16 -2.68
C PRO A 147 -8.12 -3.55 -2.06
N CYS A 148 -7.61 -3.63 -0.82
CA CYS A 148 -7.69 -4.81 0.03
C CYS A 148 -8.06 -4.35 1.44
N TYR A 149 -8.55 -5.29 2.26
CA TYR A 149 -9.22 -4.94 3.52
C TYR A 149 -8.80 -5.90 4.62
N ARG A 150 -8.38 -5.34 5.76
CA ARG A 150 -8.08 -6.15 6.94
C ARG A 150 -8.46 -5.36 8.19
N LYS A 151 -9.07 -6.05 9.14
CA LYS A 151 -9.28 -5.43 10.44
C LYS A 151 -7.94 -5.39 11.14
N GLU A 152 -7.55 -4.22 11.61
CA GLU A 152 -6.24 -4.05 12.22
C GLU A 152 -6.35 -3.26 13.52
N SER A 153 -5.40 -3.50 14.42
CA SER A 153 -5.21 -2.60 15.54
C SER A 153 -4.66 -1.29 15.03
N ASP A 154 -5.30 -0.18 15.43
CA ASP A 154 -4.96 1.13 14.90
C ASP A 154 -3.50 1.47 15.16
N GLY A 155 -2.71 1.53 14.07
CA GLY A 155 -1.29 1.82 14.16
C GLY A 155 -0.89 2.85 13.12
N LYS A 156 0.40 3.18 13.14
CA LYS A 156 0.95 4.20 12.25
C LYS A 156 1.30 3.67 10.87
N GLU A 157 1.30 2.34 10.69
CA GLU A 157 1.66 1.71 9.44
C GLU A 157 0.54 0.83 8.89
N HIS A 158 -0.62 0.77 9.54
CA HIS A 158 -1.71 -0.07 9.09
C HIS A 158 -2.97 0.73 8.83
N LEU A 159 -3.67 0.38 7.73
CA LEU A 159 -4.99 0.89 7.42
C LEU A 159 -5.95 -0.30 7.28
N GLU A 160 -7.22 -0.07 7.56
CA GLU A 160 -8.18 -1.16 7.35
C GLU A 160 -8.55 -1.30 5.88
N GLU A 161 -8.49 -0.19 5.13
CA GLU A 161 -8.70 -0.16 3.69
C GLU A 161 -7.42 0.35 3.07
N PHE A 162 -6.70 -0.51 2.35
CA PHE A 162 -5.42 -0.12 1.77
C PHE A 162 -5.39 -0.58 0.31
N THR A 163 -4.28 -0.29 -0.37
CA THR A 163 -4.15 -0.59 -1.79
C THR A 163 -2.92 -1.46 -2.00
N MET A 164 -3.11 -2.62 -2.61
N MET A 164 -3.12 -2.61 -2.62
CA MET A 164 -1.98 -3.53 -2.82
CA MET A 164 -2.05 -3.56 -2.89
C MET A 164 -1.66 -3.71 -4.31
C MET A 164 -1.66 -3.54 -4.35
N LEU A 165 -0.36 -3.70 -4.62
CA LEU A 165 0.16 -4.19 -5.90
C LEU A 165 0.61 -5.64 -5.67
N ASN A 166 0.21 -6.56 -6.54
CA ASN A 166 0.80 -7.90 -6.53
C ASN A 166 1.17 -8.20 -7.97
N PHE A 167 2.45 -8.47 -8.23
CA PHE A 167 2.82 -8.98 -9.53
C PHE A 167 3.31 -10.41 -9.37
N CYS A 168 3.21 -11.19 -10.45
CA CYS A 168 3.63 -12.58 -10.32
C CYS A 168 3.93 -13.13 -11.69
N GLN A 169 4.66 -14.25 -11.70
CA GLN A 169 5.12 -14.87 -12.93
C GLN A 169 5.07 -16.37 -12.69
N MET A 170 4.72 -17.12 -13.75
CA MET A 170 4.66 -18.57 -13.65
C MET A 170 5.24 -19.19 -14.90
N GLY A 171 6.09 -20.19 -14.71
CA GLY A 171 6.73 -20.90 -15.83
C GLY A 171 8.24 -20.74 -15.72
N SER A 172 8.87 -20.36 -16.82
CA SER A 172 10.31 -20.16 -16.81
C SER A 172 10.63 -18.84 -16.12
N GLY A 173 11.89 -18.71 -15.69
CA GLY A 173 12.35 -17.49 -15.08
C GLY A 173 11.90 -17.27 -13.66
N CYS A 174 11.39 -18.29 -12.98
CA CYS A 174 10.81 -18.12 -11.66
C CYS A 174 11.78 -18.53 -10.57
N THR A 175 12.88 -17.77 -10.54
CA THR A 175 13.97 -17.97 -9.59
C THR A 175 14.02 -16.83 -8.60
N ARG A 176 14.67 -17.09 -7.46
CA ARG A 176 14.89 -16.02 -6.49
CA ARG A 176 14.88 -16.02 -6.48
C ARG A 176 15.62 -14.85 -7.11
N GLU A 177 16.64 -15.12 -7.94
CA GLU A 177 17.42 -14.02 -8.51
C GLU A 177 16.56 -13.15 -9.44
N ASN A 178 15.67 -13.76 -10.22
CA ASN A 178 14.81 -12.94 -11.06
C ASN A 178 13.80 -12.15 -10.23
N LEU A 179 13.26 -12.76 -9.18
CA LEU A 179 12.33 -12.04 -8.29
C LEU A 179 13.03 -10.84 -7.67
N GLU A 180 14.24 -11.06 -7.12
CA GLU A 180 14.96 -9.92 -6.55
C GLU A 180 15.27 -8.86 -7.60
N SER A 181 15.58 -9.27 -8.83
CA SER A 181 15.90 -8.31 -9.87
CA SER A 181 15.91 -8.31 -9.87
C SER A 181 14.71 -7.43 -10.24
N ILE A 182 13.50 -8.02 -10.29
CA ILE A 182 12.31 -7.24 -10.59
C ILE A 182 12.04 -6.25 -9.47
N ILE A 183 12.13 -6.72 -8.22
CA ILE A 183 11.94 -5.84 -7.06
C ILE A 183 12.92 -4.68 -7.10
N THR A 184 14.20 -4.97 -7.40
CA THR A 184 15.23 -3.95 -7.48
C THR A 184 14.93 -2.94 -8.58
N ASP A 185 14.59 -3.41 -9.77
N ASP A 185 14.56 -3.42 -9.76
CA ASP A 185 14.26 -2.46 -10.82
CA ASP A 185 14.23 -2.56 -10.89
C ASP A 185 13.06 -1.60 -10.44
C ASP A 185 13.02 -1.67 -10.57
N PHE A 186 12.02 -2.24 -9.88
CA PHE A 186 10.82 -1.50 -9.50
C PHE A 186 11.13 -0.42 -8.46
N LEU A 187 11.82 -0.78 -7.37
CA LEU A 187 12.06 0.24 -6.34
C LEU A 187 13.10 1.27 -6.78
N ASN A 188 14.04 0.89 -7.63
CA ASN A 188 14.93 1.88 -8.25
C ASN A 188 14.13 2.87 -9.11
N HIS A 189 13.12 2.39 -9.82
CA HIS A 189 12.26 3.27 -10.61
C HIS A 189 11.55 4.29 -9.71
N LEU A 190 11.08 3.87 -8.54
CA LEU A 190 10.42 4.77 -7.60
C LEU A 190 11.40 5.56 -6.74
N GLY A 191 12.69 5.22 -6.77
CA GLY A 191 13.66 5.96 -5.97
C GLY A 191 13.67 5.62 -4.50
N ILE A 192 13.30 4.40 -4.13
CA ILE A 192 13.16 3.97 -2.75
C ILE A 192 14.25 2.95 -2.44
N ASP A 193 15.06 3.25 -1.43
CA ASP A 193 16.10 2.34 -0.96
C ASP A 193 15.49 1.22 -0.13
N PHE A 194 16.09 0.04 -0.17
CA PHE A 194 15.52 -1.07 0.57
C PHE A 194 16.58 -2.12 0.84
N LYS A 195 16.24 -3.06 1.73
CA LYS A 195 16.99 -4.29 1.94
C LYS A 195 16.00 -5.46 1.93
N ILE A 196 16.52 -6.67 1.72
CA ILE A 196 15.70 -7.88 1.75
C ILE A 196 16.06 -8.68 3.00
N VAL A 197 15.05 -9.07 3.78
CA VAL A 197 15.25 -9.87 4.98
C VAL A 197 14.28 -11.05 4.94
N GLY A 198 14.72 -12.20 5.40
CA GLY A 198 13.85 -13.37 5.46
C GLY A 198 12.82 -13.23 6.57
N ASP A 199 11.61 -13.70 6.30
CA ASP A 199 10.55 -13.74 7.29
C ASP A 199 9.70 -14.96 6.97
N SER A 200 8.61 -15.13 7.72
CA SER A 200 7.72 -16.24 7.41
C SER A 200 6.28 -15.83 7.71
N CYS A 201 5.35 -16.47 7.02
CA CYS A 201 3.95 -16.21 7.27
C CYS A 201 3.16 -17.51 7.17
N MET A 202 1.98 -17.50 7.76
CA MET A 202 1.20 -18.73 7.87
C MET A 202 0.63 -19.19 6.53
N VAL A 203 0.45 -18.30 5.57
CA VAL A 203 -0.16 -18.68 4.29
C VAL A 203 0.87 -19.21 3.32
N PHE A 204 1.97 -18.50 3.14
CA PHE A 204 2.91 -18.83 2.08
C PHE A 204 4.17 -19.52 2.58
N GLY A 205 4.43 -19.52 3.87
CA GLY A 205 5.68 -20.06 4.40
C GLY A 205 6.76 -18.99 4.46
N ASP A 206 7.95 -19.33 3.99
CA ASP A 206 9.06 -18.39 4.03
C ASP A 206 8.81 -17.27 3.03
N THR A 207 9.09 -16.04 3.43
CA THR A 207 9.00 -14.91 2.53
C THR A 207 10.31 -14.17 2.47
N LEU A 208 10.50 -13.41 1.39
CA LEU A 208 11.53 -12.40 1.29
C LEU A 208 10.83 -11.07 1.54
N ASP A 209 11.07 -10.48 2.70
CA ASP A 209 10.43 -9.20 3.01
C ASP A 209 11.31 -8.05 2.57
N VAL A 210 10.71 -7.09 1.88
CA VAL A 210 11.39 -5.91 1.36
C VAL A 210 11.19 -4.82 2.40
N MET A 211 12.29 -4.34 2.99
CA MET A 211 12.23 -3.46 4.15
C MET A 211 12.85 -2.11 3.82
N HIS A 212 12.21 -1.05 4.26
CA HIS A 212 12.79 0.29 4.22
C HIS A 212 12.92 0.66 5.69
N GLY A 213 14.13 0.50 6.23
CA GLY A 213 14.26 0.64 7.68
C GLY A 213 13.47 -0.47 8.33
N ASP A 214 12.64 -0.09 9.32
N ASP A 214 12.62 -0.10 9.30
CA ASP A 214 11.77 -1.06 9.98
CA ASP A 214 11.79 -1.08 9.97
C ASP A 214 10.36 -1.07 9.41
C ASP A 214 10.44 -1.27 9.30
N LEU A 215 10.19 -0.57 8.20
CA LEU A 215 8.89 -0.57 7.51
C LEU A 215 8.90 -1.66 6.45
N GLU A 216 7.94 -2.59 6.57
CA GLU A 216 7.79 -3.66 5.59
C GLU A 216 7.04 -3.11 4.37
N LEU A 217 7.74 -3.02 3.24
CA LEU A 217 7.10 -2.58 2.00
C LEU A 217 6.44 -3.74 1.27
N SER A 218 6.98 -4.95 1.39
CA SER A 218 6.47 -6.08 0.61
C SER A 218 6.82 -7.39 1.30
N SER A 219 5.99 -8.40 1.06
CA SER A 219 6.39 -9.80 1.20
C SER A 219 6.39 -10.43 -0.18
N ALA A 220 7.45 -11.20 -0.50
CA ALA A 220 7.63 -11.86 -1.79
C ALA A 220 7.87 -13.35 -1.55
N VAL A 221 7.50 -14.16 -2.54
CA VAL A 221 7.49 -15.61 -2.37
C VAL A 221 8.08 -16.24 -3.62
N VAL A 222 8.93 -17.26 -3.41
CA VAL A 222 9.42 -18.12 -4.49
C VAL A 222 8.72 -19.47 -4.34
N GLY A 223 7.87 -19.80 -5.30
CA GLY A 223 7.21 -21.08 -5.33
C GLY A 223 8.12 -22.13 -5.92
N PRO A 224 7.61 -23.37 -6.03
CA PRO A 224 6.29 -23.86 -5.62
C PRO A 224 6.17 -23.98 -4.12
N ILE A 225 4.93 -23.98 -3.62
CA ILE A 225 4.65 -24.24 -2.21
C ILE A 225 3.48 -25.23 -2.16
N PRO A 226 3.28 -25.89 -1.02
CA PRO A 226 2.25 -26.94 -0.99
C PRO A 226 0.85 -26.44 -1.30
N LEU A 227 0.55 -25.18 -0.95
CA LEU A 227 -0.74 -24.58 -1.24
C LEU A 227 -1.07 -24.62 -2.73
N ASP A 228 -0.06 -24.70 -3.60
CA ASP A 228 -0.31 -24.67 -5.05
C ASP A 228 -1.38 -25.67 -5.47
N ARG A 229 -1.33 -26.89 -4.92
CA ARG A 229 -2.24 -27.94 -5.36
C ARG A 229 -3.71 -27.53 -5.16
N GLU A 230 -3.99 -26.80 -4.09
CA GLU A 230 -5.36 -26.40 -3.81
C GLU A 230 -5.88 -25.37 -4.79
N TRP A 231 -4.98 -24.70 -5.52
CA TRP A 231 -5.34 -23.69 -6.51
C TRP A 231 -5.08 -24.16 -7.93
N GLY A 232 -4.72 -25.43 -8.12
CA GLY A 232 -4.45 -25.92 -9.46
C GLY A 232 -3.20 -25.38 -10.10
N ILE A 233 -2.26 -24.89 -9.29
CA ILE A 233 -1.00 -24.36 -9.78
C ILE A 233 0.02 -25.49 -9.73
N ASP A 234 0.69 -25.74 -10.86
CA ASP A 234 1.56 -26.90 -10.94
C ASP A 234 2.85 -26.59 -11.69
N LYS A 235 3.28 -25.34 -11.67
CA LYS A 235 4.53 -24.88 -12.28
C LYS A 235 5.23 -23.96 -11.29
N PRO A 236 6.53 -23.71 -11.48
CA PRO A 236 7.23 -22.74 -10.64
C PRO A 236 6.59 -21.37 -10.80
N TRP A 237 6.70 -20.56 -9.76
CA TRP A 237 6.12 -19.23 -9.79
C TRP A 237 6.87 -18.36 -8.81
N ILE A 238 6.81 -17.04 -9.03
CA ILE A 238 7.31 -16.04 -8.09
C ILE A 238 6.30 -14.92 -8.01
N GLY A 239 6.29 -14.22 -6.89
CA GLY A 239 5.37 -13.09 -6.77
C GLY A 239 5.70 -12.23 -5.57
N ALA A 240 5.16 -11.01 -5.58
CA ALA A 240 5.38 -10.09 -4.48
C ALA A 240 4.19 -9.16 -4.34
N GLY A 241 3.84 -8.87 -3.08
CA GLY A 241 2.79 -7.91 -2.75
C GLY A 241 3.32 -6.71 -2.03
N PHE A 242 2.94 -5.50 -2.49
CA PHE A 242 3.41 -4.24 -1.93
C PHE A 242 2.23 -3.36 -1.55
N GLY A 243 2.32 -2.67 -0.43
CA GLY A 243 1.32 -1.66 -0.09
C GLY A 243 1.62 -0.30 -0.68
N LEU A 244 0.70 0.25 -1.48
CA LEU A 244 0.94 1.55 -2.11
C LEU A 244 0.99 2.66 -1.08
N GLU A 245 0.13 2.61 -0.04
CA GLU A 245 0.17 3.67 0.98
C GLU A 245 1.50 3.67 1.72
N ARG A 246 2.09 2.49 1.93
CA ARG A 246 3.42 2.48 2.55
C ARG A 246 4.48 3.06 1.62
N LEU A 247 4.42 2.77 0.32
CA LEU A 247 5.33 3.44 -0.63
C LEU A 247 5.18 4.95 -0.55
N LEU A 248 3.94 5.46 -0.52
CA LEU A 248 3.72 6.90 -0.41
C LEU A 248 4.25 7.45 0.91
N LYS A 249 4.07 6.71 2.01
CA LYS A 249 4.59 7.17 3.30
C LYS A 249 6.09 7.38 3.23
N VAL A 250 6.79 6.49 2.54
CA VAL A 250 8.24 6.64 2.42
C VAL A 250 8.57 7.83 1.53
N LYS A 251 7.90 7.91 0.37
CA LYS A 251 8.21 8.95 -0.61
C LYS A 251 7.99 10.34 -0.04
N HIS A 252 6.95 10.52 0.77
CA HIS A 252 6.59 11.84 1.28
C HIS A 252 6.94 12.05 2.74
N ASP A 253 7.59 11.09 3.38
N ASP A 253 7.58 11.09 3.40
CA ASP A 253 8.01 11.20 4.79
CA ASP A 253 8.01 11.24 4.79
C ASP A 253 6.84 11.48 5.72
C ASP A 253 6.84 11.44 5.75
N PHE A 254 5.69 10.87 5.45
CA PHE A 254 4.54 11.02 6.33
C PHE A 254 4.80 10.31 7.67
N LYS A 255 4.34 10.94 8.76
CA LYS A 255 4.46 10.32 10.08
C LYS A 255 3.46 9.19 10.25
N ASN A 256 2.28 9.35 9.69
CA ASN A 256 1.23 8.36 9.84
C ASN A 256 0.72 8.00 8.45
N ILE A 257 0.51 6.71 8.24
CA ILE A 257 0.02 6.20 6.97
C ILE A 257 -1.37 6.75 6.61
N LYS A 258 -2.14 7.25 7.58
CA LYS A 258 -3.44 7.85 7.28
C LYS A 258 -3.33 8.95 6.23
N ARG A 259 -2.19 9.65 6.19
CA ARG A 259 -2.02 10.75 5.25
C ARG A 259 -2.10 10.28 3.81
N ALA A 260 -1.84 9.00 3.57
CA ALA A 260 -1.74 8.44 2.24
C ALA A 260 -2.99 7.70 1.81
N ALA A 261 -3.94 7.52 2.72
CA ALA A 261 -5.06 6.61 2.52
C ALA A 261 -6.19 7.26 1.74
N ARG A 262 -7.07 6.41 1.22
CA ARG A 262 -8.41 6.86 0.83
C ARG A 262 -9.05 7.44 2.07
N SER A 263 -9.59 8.64 1.94
N SER A 263 -9.52 8.67 1.96
CA SER A 263 -9.99 9.38 3.13
CA SER A 263 -10.07 9.32 3.14
C SER A 263 -10.80 10.56 2.66
C SER A 263 -10.87 10.51 2.65
N GLY A 264 -11.67 11.03 3.55
CA GLY A 264 -12.24 12.34 3.40
C GLY A 264 -11.47 13.36 4.20
N SER A 265 -10.46 12.93 4.98
CA SER A 265 -9.76 13.78 5.93
CA SER A 265 -9.78 13.81 5.92
C SER A 265 -8.44 14.34 5.43
N TYR A 266 -7.86 13.77 4.38
CA TYR A 266 -6.60 14.27 3.82
C TYR A 266 -6.65 14.15 2.31
N TYR A 267 -6.12 15.15 1.62
CA TYR A 267 -5.97 15.14 0.16
C TYR A 267 -4.48 15.30 -0.14
N ASN A 268 -3.86 14.27 -0.70
CA ASN A 268 -2.44 14.34 -1.00
C ASN A 268 -1.64 14.78 0.24
N GLY A 269 -2.03 14.20 1.39
CA GLY A 269 -1.36 14.47 2.65
C GLY A 269 -1.72 15.80 3.30
N ILE A 270 -2.62 16.58 2.72
N ILE A 270 -2.60 16.60 2.71
CA ILE A 270 -3.02 17.89 3.26
CA ILE A 270 -3.01 17.88 3.27
C ILE A 270 -4.37 17.73 3.94
C ILE A 270 -4.35 17.68 3.96
N SER A 271 -4.49 18.21 5.17
CA SER A 271 -5.77 18.12 5.87
C SER A 271 -6.86 18.81 5.07
N THR A 272 -8.02 18.15 5.00
CA THR A 272 -9.18 18.77 4.38
C THR A 272 -10.06 19.48 5.40
N ASN A 273 -9.62 19.56 6.67
CA ASN A 273 -10.34 20.26 7.72
C ASN A 273 -9.69 21.63 7.92
N LEU A 274 -10.02 22.53 7.00
CA LEU A 274 -9.38 23.85 6.89
C LEU A 274 -10.36 24.98 7.11
#